data_9US2
#
_entry.id   9US2
#
_cell.length_a   86.814
_cell.length_b   142.236
_cell.length_c   119.308
_cell.angle_alpha   90.00
_cell.angle_beta   90.00
_cell.angle_gamma   90.00
#
_symmetry.space_group_name_H-M   'C 2 2 21'
#
loop_
_entity.id
_entity.type
_entity.pdbx_description
1 polymer "Cytokinin riboside 5'-monophosphate phosphoribohydrolase"
2 non-polymer 'CITRIC ACID'
3 water water
#
_entity_poly.entity_id   1
_entity_poly.type   'polypeptide(L)'
_entity_poly.pdbx_seq_one_letter_code
;MENTNRVPEQARYDAERRQADEALAGVFPAVSIFGSARTPQNHADYAFACRLARRLSDSGIAVISGGGPGIMEAANKGAF
AGKSVSVGLNIVLPHEQKPNPYQDIALRFSRFAERKAVFFRYSQAYVVMPGGFGTLDELFEILTLVQTGKVPPCPIVLVG
KAFWSGLAEWINAQLLARGLISEGAVSLFAISDDEDEIVAYLSEHGLQTA
;
_entity_poly.pdbx_strand_id   A,B,C
#
loop_
_chem_comp.id
_chem_comp.type
_chem_comp.name
_chem_comp.formula
CIT non-polymer 'CITRIC ACID' 'C6 H8 O7'
#
# COMPACT_ATOMS: atom_id res chain seq x y z
N ASN A 3 -10.23 -27.08 -15.80
CA ASN A 3 -9.47 -25.84 -15.63
C ASN A 3 -8.31 -25.78 -16.62
N THR A 4 -7.91 -24.56 -16.98
CA THR A 4 -6.77 -24.43 -17.89
C THR A 4 -5.51 -25.01 -17.25
N ASN A 5 -4.62 -25.51 -18.09
CA ASN A 5 -3.36 -26.10 -17.63
C ASN A 5 -2.35 -24.97 -17.45
N ARG A 6 -2.03 -24.62 -16.21
CA ARG A 6 -1.05 -23.57 -15.98
C ARG A 6 -0.28 -23.87 -14.71
N VAL A 7 0.95 -23.37 -14.66
CA VAL A 7 1.78 -23.47 -13.45
C VAL A 7 1.11 -22.64 -12.36
N PRO A 8 0.97 -23.15 -11.13
CA PRO A 8 0.24 -22.37 -10.12
C PRO A 8 0.98 -21.11 -9.68
N GLU A 9 0.19 -20.09 -9.35
CA GLU A 9 0.72 -18.87 -8.75
C GLU A 9 1.61 -19.18 -7.55
N GLN A 10 1.25 -20.20 -6.78
CA GLN A 10 1.99 -20.56 -5.56
C GLN A 10 3.45 -20.88 -5.84
N ALA A 11 3.79 -21.35 -7.05
CA ALA A 11 5.17 -21.71 -7.34
C ALA A 11 6.12 -20.53 -7.12
N ARG A 12 5.68 -19.31 -7.42
CA ARG A 12 6.52 -18.14 -7.22
C ARG A 12 6.82 -17.90 -5.75
N TYR A 13 5.81 -18.02 -4.88
CA TYR A 13 6.05 -17.77 -3.45
C TYR A 13 6.90 -18.88 -2.85
N ASP A 14 6.73 -20.12 -3.33
CA ASP A 14 7.60 -21.20 -2.87
C ASP A 14 9.05 -20.93 -3.25
N ALA A 15 9.27 -20.46 -4.49
CA ALA A 15 10.63 -20.23 -4.94
C ALA A 15 11.28 -19.09 -4.16
N GLU A 16 10.49 -18.05 -3.85
CA GLU A 16 11.07 -16.91 -3.12
C GLU A 16 11.41 -17.28 -1.69
N ARG A 17 10.58 -18.12 -1.08
CA ARG A 17 10.88 -18.60 0.25
C ARG A 17 12.11 -19.51 0.24
N ARG A 18 12.26 -20.36 -0.78
CA ARG A 18 13.46 -21.19 -0.86
C ARG A 18 14.71 -20.33 -1.04
N GLN A 19 14.62 -19.28 -1.87
CA GLN A 19 15.76 -18.42 -2.08
C GLN A 19 16.17 -17.73 -0.78
N ALA A 20 15.18 -17.31 0.01
CA ALA A 20 15.46 -16.68 1.31
C ALA A 20 16.14 -17.67 2.26
N ASP A 21 15.61 -18.91 2.34
CA ASP A 21 16.17 -19.90 3.25
C ASP A 21 17.61 -20.25 2.85
N GLU A 22 17.87 -20.36 1.55
CA GLU A 22 19.24 -20.58 1.09
C GLU A 22 20.17 -19.48 1.59
N ALA A 23 19.77 -18.22 1.40
CA ALA A 23 20.62 -17.09 1.76
C ALA A 23 20.82 -16.94 3.27
N LEU A 24 19.81 -17.27 4.08
CA LEU A 24 19.84 -16.96 5.50
C LEU A 24 20.14 -18.16 6.38
N ALA A 25 20.50 -19.31 5.78
CA ALA A 25 20.64 -20.55 6.54
C ALA A 25 21.64 -20.42 7.70
N GLY A 26 22.77 -19.79 7.47
CA GLY A 26 23.74 -19.73 8.56
C GLY A 26 23.75 -18.42 9.32
N VAL A 27 22.69 -17.62 9.18
CA VAL A 27 22.65 -16.27 9.72
C VAL A 27 21.95 -16.33 11.08
N PHE A 28 22.72 -16.14 12.13
CA PHE A 28 22.23 -16.18 13.51
C PHE A 28 23.31 -15.63 14.41
N PRO A 29 22.98 -14.78 15.40
CA PRO A 29 21.67 -14.22 15.74
C PRO A 29 21.30 -13.03 14.85
N ALA A 30 20.04 -12.57 14.92
CA ALA A 30 19.59 -11.48 14.07
C ALA A 30 18.45 -10.71 14.72
N VAL A 31 18.35 -9.44 14.35
CA VAL A 31 17.33 -8.52 14.83
C VAL A 31 16.69 -7.90 13.59
N SER A 32 15.39 -7.68 13.62
CA SER A 32 14.73 -6.92 12.56
C SER A 32 14.58 -5.47 13.00
N ILE A 33 14.81 -4.53 12.09
CA ILE A 33 14.53 -3.14 12.39
C ILE A 33 13.44 -2.67 11.44
N PHE A 34 12.33 -2.22 11.99
CA PHE A 34 11.19 -1.71 11.25
C PHE A 34 11.15 -0.19 11.36
N GLY A 35 10.37 0.45 10.49
CA GLY A 35 10.22 1.90 10.53
C GLY A 35 9.93 2.43 9.15
N SER A 36 9.66 3.75 9.09
CA SER A 36 9.12 4.40 7.89
C SER A 36 10.09 4.41 6.71
N ALA A 37 9.59 4.02 5.54
CA ALA A 37 10.32 4.24 4.31
C ALA A 37 10.55 5.71 4.04
N ARG A 38 9.85 6.59 4.74
CA ARG A 38 9.77 8.00 4.37
C ARG A 38 10.59 8.91 5.27
N THR A 39 11.22 8.38 6.29
CA THR A 39 11.99 9.23 7.22
C THR A 39 13.16 9.85 6.47
N PRO A 40 13.29 11.18 6.45
CA PRO A 40 14.39 11.80 5.72
C PRO A 40 15.74 11.38 6.29
N GLN A 41 16.76 11.47 5.43
CA GLN A 41 18.12 11.13 5.85
C GLN A 41 18.62 12.04 6.96
N ASN A 42 18.14 13.28 7.03
CA ASN A 42 18.60 14.14 8.11
C ASN A 42 17.68 14.13 9.33
N HIS A 43 16.71 13.22 9.39
CA HIS A 43 15.88 13.15 10.58
C HIS A 43 16.62 12.45 11.71
N ALA A 44 16.29 12.85 12.95
CA ALA A 44 16.94 12.23 14.10
C ALA A 44 16.72 10.72 14.14
N ASP A 45 15.56 10.24 13.66
CA ASP A 45 15.26 8.81 13.64
C ASP A 45 16.24 8.06 12.73
N TYR A 46 16.61 8.67 11.62
CA TYR A 46 17.50 8.02 10.67
C TYR A 46 18.88 7.81 11.28
N ALA A 47 19.44 8.86 11.89
CA ALA A 47 20.74 8.75 12.53
C ALA A 47 20.69 7.76 13.69
N PHE A 48 19.60 7.79 14.47
CA PHE A 48 19.49 6.87 15.60
C PHE A 48 19.54 5.42 15.13
N ALA A 49 18.75 5.09 14.10
CA ALA A 49 18.64 3.71 13.66
C ALA A 49 19.96 3.25 13.04
N CYS A 50 20.64 4.15 12.33
CA CYS A 50 21.90 3.79 11.71
C CYS A 50 22.95 3.47 12.77
N ARG A 51 23.03 4.32 13.81
CA ARG A 51 24.00 4.08 14.89
C ARG A 51 23.67 2.81 15.66
N LEU A 52 22.39 2.58 15.96
CA LEU A 52 22.00 1.36 16.67
C LEU A 52 22.33 0.11 15.86
N ALA A 53 22.00 0.14 14.56
CA ALA A 53 22.30 -1.02 13.72
C ALA A 53 23.79 -1.30 13.68
N ARG A 54 24.60 -0.24 13.60
CA ARG A 54 26.05 -0.42 13.59
C ARG A 54 26.52 -1.04 14.91
N ARG A 55 26.02 -0.53 16.03
CA ARG A 55 26.37 -1.10 17.32
C ARG A 55 25.98 -2.57 17.42
N LEU A 56 24.73 -2.90 17.05
CA LEU A 56 24.30 -4.29 17.10
C LEU A 56 25.14 -5.17 16.18
N SER A 57 25.43 -4.68 14.98
CA SER A 57 26.24 -5.41 14.01
C SER A 57 27.63 -5.73 14.57
N ASP A 58 28.28 -4.72 15.16
CA ASP A 58 29.61 -4.90 15.73
C ASP A 58 29.61 -5.85 16.93
N SER A 59 28.46 -6.04 17.59
CA SER A 59 28.38 -7.02 18.67
C SER A 59 27.99 -8.41 18.17
N GLY A 60 27.95 -8.63 16.86
CA GLY A 60 27.75 -9.95 16.30
C GLY A 60 26.36 -10.27 15.78
N ILE A 61 25.48 -9.27 15.65
CA ILE A 61 24.06 -9.49 15.38
C ILE A 61 23.76 -9.07 13.94
N ALA A 62 23.26 -10.01 13.14
CA ALA A 62 22.80 -9.65 11.81
C ALA A 62 21.60 -8.72 11.91
N VAL A 63 21.48 -7.81 10.96
CA VAL A 63 20.41 -6.81 10.96
C VAL A 63 19.59 -7.00 9.71
N ILE A 64 18.28 -7.22 9.89
CA ILE A 64 17.36 -7.43 8.78
C ILE A 64 16.42 -6.25 8.70
N SER A 65 16.31 -5.65 7.51
CA SER A 65 15.35 -4.60 7.27
C SER A 65 14.59 -4.89 5.99
N GLY A 66 13.60 -4.05 5.68
CA GLY A 66 12.85 -4.20 4.45
C GLY A 66 13.55 -3.78 3.16
N GLY A 67 14.79 -3.29 3.26
CA GLY A 67 15.66 -3.10 2.10
C GLY A 67 15.41 -1.84 1.26
N GLY A 68 14.44 -1.02 1.62
CA GLY A 68 14.13 0.17 0.84
C GLY A 68 14.79 1.42 1.40
N PRO A 69 14.15 2.62 1.20
CA PRO A 69 14.72 3.87 1.70
C PRO A 69 14.35 4.16 3.16
N GLY A 70 14.66 5.37 3.64
CA GLY A 70 14.21 5.74 4.97
C GLY A 70 14.89 4.92 6.05
N ILE A 71 14.10 4.46 7.03
CA ILE A 71 14.66 3.69 8.15
C ILE A 71 15.28 2.40 7.67
N MET A 72 14.71 1.80 6.62
CA MET A 72 15.33 0.61 6.03
C MET A 72 16.75 0.91 5.56
N GLU A 73 16.96 2.04 4.90
CA GLU A 73 18.29 2.42 4.46
C GLU A 73 19.20 2.71 5.65
N ALA A 74 18.69 3.43 6.67
CA ALA A 74 19.51 3.71 7.86
C ALA A 74 19.97 2.44 8.55
N ALA A 75 19.06 1.46 8.72
CA ALA A 75 19.42 0.18 9.36
C ALA A 75 20.46 -0.56 8.56
N ASN A 76 20.24 -0.69 7.25
CA ASN A 76 21.19 -1.43 6.42
C ASN A 76 22.52 -0.70 6.35
N LYS A 77 22.49 0.64 6.33
CA LYS A 77 23.73 1.41 6.25
C LYS A 77 24.61 1.15 7.47
N GLY A 78 24.00 1.18 8.66
CA GLY A 78 24.76 0.89 9.87
C GLY A 78 25.25 -0.54 9.90
N ALA A 79 24.39 -1.47 9.52
CA ALA A 79 24.77 -2.89 9.54
C ALA A 79 25.84 -3.18 8.50
N PHE A 80 25.75 -2.55 7.32
CA PHE A 80 26.74 -2.76 6.27
C PHE A 80 28.12 -2.32 6.75
N ALA A 81 28.19 -1.17 7.41
CA ALA A 81 29.46 -0.74 7.98
C ALA A 81 29.90 -1.63 9.13
N GLY A 82 28.96 -2.26 9.84
CA GLY A 82 29.28 -3.10 10.97
C GLY A 82 29.77 -4.49 10.59
N LYS A 83 30.35 -5.19 11.57
CA LYS A 83 31.03 -6.46 11.30
C LYS A 83 30.08 -7.57 10.85
N SER A 84 28.80 -7.51 11.23
CA SER A 84 27.83 -8.56 10.90
C SER A 84 27.04 -8.19 9.64
N VAL A 85 26.33 -9.20 9.09
CA VAL A 85 25.72 -9.05 7.77
C VAL A 85 24.51 -8.12 7.83
N SER A 86 24.29 -7.42 6.72
CA SER A 86 23.17 -6.52 6.53
C SER A 86 22.23 -7.16 5.51
N VAL A 87 20.99 -7.41 5.91
CA VAL A 87 20.03 -8.14 5.09
C VAL A 87 18.91 -7.20 4.66
N GLY A 88 18.55 -7.26 3.38
CA GLY A 88 17.37 -6.56 2.93
C GLY A 88 16.30 -7.46 2.34
N LEU A 89 15.08 -7.36 2.86
CA LEU A 89 13.95 -8.16 2.36
C LEU A 89 13.09 -7.24 1.50
N ASN A 90 13.57 -6.98 0.27
CA ASN A 90 12.95 -6.03 -0.64
C ASN A 90 11.58 -6.54 -1.10
N ILE A 91 10.60 -5.64 -1.20
CA ILE A 91 9.24 -5.99 -1.63
C ILE A 91 9.04 -5.51 -3.06
N VAL A 92 8.39 -6.34 -3.88
CA VAL A 92 8.04 -5.99 -5.25
C VAL A 92 6.64 -5.38 -5.22
N LEU A 93 6.52 -4.12 -5.64
CA LEU A 93 5.26 -3.39 -5.56
C LEU A 93 4.89 -2.84 -6.94
N PRO A 94 3.60 -2.62 -7.20
CA PRO A 94 3.22 -1.99 -8.49
C PRO A 94 3.93 -0.67 -8.71
N HIS A 95 4.13 0.11 -7.66
CA HIS A 95 4.95 1.31 -7.69
C HIS A 95 6.31 0.95 -7.11
N GLU A 96 7.31 0.88 -7.99
CA GLU A 96 8.61 0.28 -7.68
C GLU A 96 9.24 0.89 -6.42
N GLN A 97 9.70 0.01 -5.51
CA GLN A 97 10.53 0.43 -4.39
C GLN A 97 11.98 0.03 -4.68
N LYS A 98 12.89 1.01 -4.62
CA LYS A 98 14.25 0.78 -5.09
C LYS A 98 15.09 0.28 -3.92
N PRO A 99 15.89 -0.78 -4.09
CA PRO A 99 16.71 -1.26 -2.96
C PRO A 99 17.77 -0.24 -2.59
N ASN A 100 18.05 -0.13 -1.29
CA ASN A 100 19.13 0.73 -0.86
C ASN A 100 20.47 0.05 -1.15
N PRO A 101 21.56 0.82 -1.22
CA PRO A 101 22.83 0.24 -1.67
C PRO A 101 23.62 -0.44 -0.57
N TYR A 102 22.99 -0.72 0.58
CA TYR A 102 23.76 -1.16 1.73
C TYR A 102 23.46 -2.60 2.16
N GLN A 103 23.20 -3.49 1.21
CA GLN A 103 22.76 -4.84 1.53
C GLN A 103 23.86 -5.84 1.21
N ASP A 104 24.33 -6.58 2.24
CA ASP A 104 25.19 -7.74 1.99
C ASP A 104 24.41 -8.90 1.40
N ILE A 105 23.18 -9.10 1.88
CA ILE A 105 22.27 -10.14 1.39
C ILE A 105 21.00 -9.44 0.96
N ALA A 106 20.69 -9.50 -0.34
CA ALA A 106 19.53 -8.81 -0.90
C ALA A 106 18.53 -9.83 -1.41
N LEU A 107 17.34 -9.86 -0.82
CA LEU A 107 16.30 -10.81 -1.20
C LEU A 107 15.08 -10.07 -1.72
N ARG A 108 14.27 -10.77 -2.54
CA ARG A 108 13.07 -10.18 -3.15
C ARG A 108 11.85 -11.03 -2.84
N PHE A 109 10.72 -10.37 -2.58
CA PHE A 109 9.45 -11.05 -2.29
C PHE A 109 8.34 -10.42 -3.11
N SER A 110 7.51 -11.27 -3.74
CA SER A 110 6.36 -10.76 -4.47
C SER A 110 5.24 -10.29 -3.55
N ARG A 111 5.19 -10.80 -2.31
CA ARG A 111 4.07 -10.57 -1.40
C ARG A 111 4.57 -10.25 0.01
N PHE A 112 3.81 -9.43 0.72
CA PHE A 112 4.17 -9.13 2.11
C PHE A 112 4.19 -10.39 2.97
N ALA A 113 3.36 -11.38 2.68
CA ALA A 113 3.26 -12.53 3.58
C ALA A 113 4.59 -13.30 3.68
N GLU A 114 5.19 -13.66 2.54
CA GLU A 114 6.48 -14.34 2.57
C GLU A 114 7.56 -13.46 3.16
N ARG A 115 7.52 -12.16 2.87
CA ARG A 115 8.48 -11.23 3.45
C ARG A 115 8.43 -11.24 4.98
N LYS A 116 7.22 -11.09 5.54
CA LYS A 116 7.07 -11.10 6.99
C LYS A 116 7.42 -12.47 7.57
N ALA A 117 7.07 -13.56 6.87
CA ALA A 117 7.45 -14.89 7.38
C ALA A 117 8.95 -14.99 7.55
N VAL A 118 9.71 -14.37 6.66
CA VAL A 118 11.16 -14.42 6.76
C VAL A 118 11.64 -13.55 7.93
N PHE A 119 11.14 -12.30 8.04
CA PHE A 119 11.42 -11.50 9.22
C PHE A 119 11.21 -12.32 10.48
N PHE A 120 10.05 -12.98 10.58
CA PHE A 120 9.67 -13.59 11.84
C PHE A 120 10.35 -14.93 12.08
N ARG A 121 10.77 -15.61 11.01
CA ARG A 121 11.48 -16.88 11.25
C ARG A 121 12.94 -16.65 11.66
N TYR A 122 13.59 -15.61 11.15
CA TYR A 122 15.03 -15.46 11.30
C TYR A 122 15.46 -14.42 12.33
N SER A 123 14.52 -13.78 13.03
CA SER A 123 14.85 -12.74 14.00
C SER A 123 14.58 -13.26 15.42
N GLN A 124 15.40 -12.81 16.38
CA GLN A 124 15.14 -13.06 17.79
C GLN A 124 14.82 -11.80 18.56
N ALA A 125 14.62 -10.67 17.88
CA ALA A 125 14.29 -9.40 18.52
C ALA A 125 13.84 -8.44 17.44
N TYR A 126 13.10 -7.40 17.87
CA TYR A 126 12.48 -6.44 16.98
C TYR A 126 12.68 -5.04 17.54
N VAL A 127 13.08 -4.11 16.68
CA VAL A 127 13.22 -2.69 17.02
C VAL A 127 12.37 -1.91 16.03
N VAL A 128 11.43 -1.12 16.54
CA VAL A 128 10.43 -0.46 15.70
C VAL A 128 10.64 1.06 15.81
N MET A 129 11.27 1.66 14.81
CA MET A 129 11.27 3.12 14.76
C MET A 129 9.94 3.63 14.25
N PRO A 130 9.64 4.92 14.46
CA PRO A 130 8.35 5.45 14.00
C PRO A 130 8.12 5.08 12.54
N GLY A 131 6.89 4.64 12.25
CA GLY A 131 6.52 4.29 10.89
C GLY A 131 5.03 4.43 10.67
N GLY A 132 4.61 4.15 9.44
CA GLY A 132 3.21 4.25 9.02
C GLY A 132 2.47 2.93 9.08
N PHE A 133 1.51 2.77 8.17
CA PHE A 133 0.58 1.65 8.29
C PHE A 133 1.27 0.31 8.11
N GLY A 134 2.25 0.24 7.20
CA GLY A 134 2.95 -1.02 7.00
C GLY A 134 3.82 -1.37 8.18
N THR A 135 4.38 -0.36 8.84
CA THR A 135 5.08 -0.59 10.11
C THR A 135 4.14 -1.09 11.19
N LEU A 136 2.93 -0.53 11.28
CA LEU A 136 1.97 -0.97 12.29
C LEU A 136 1.42 -2.37 11.99
N ASP A 137 1.30 -2.71 10.72
CA ASP A 137 1.03 -4.09 10.34
C ASP A 137 2.06 -5.04 10.94
N GLU A 138 3.35 -4.72 10.73
CA GLU A 138 4.41 -5.57 11.28
C GLU A 138 4.34 -5.63 12.81
N LEU A 139 4.15 -4.47 13.44
CA LEU A 139 4.13 -4.40 14.89
C LEU A 139 2.99 -5.24 15.47
N PHE A 140 1.76 -5.01 15.02
CA PHE A 140 0.69 -5.78 15.64
C PHE A 140 0.66 -7.23 15.19
N GLU A 141 1.23 -7.54 14.01
CA GLU A 141 1.36 -8.94 13.62
C GLU A 141 2.34 -9.69 14.52
N ILE A 142 3.51 -9.13 14.76
CA ILE A 142 4.45 -9.85 15.63
C ILE A 142 3.91 -9.92 17.08
N LEU A 143 3.28 -8.85 17.56
CA LEU A 143 2.64 -8.93 18.89
C LEU A 143 1.61 -10.05 18.93
N THR A 144 0.80 -10.19 17.88
CA THR A 144 -0.21 -11.25 17.84
C THR A 144 0.43 -12.62 17.81
N LEU A 145 1.49 -12.79 17.00
CA LEU A 145 2.15 -14.08 16.92
C LEU A 145 2.82 -14.45 18.24
N VAL A 146 3.41 -13.46 18.94
CA VAL A 146 4.00 -13.76 20.24
C VAL A 146 2.91 -14.04 21.27
N GLN A 147 1.93 -13.15 21.38
CA GLN A 147 0.78 -13.37 22.25
C GLN A 147 0.19 -14.77 22.18
N THR A 148 -0.05 -15.25 20.96
CA THR A 148 -0.74 -16.52 20.77
C THR A 148 0.18 -17.72 20.82
N GLY A 149 1.50 -17.49 20.91
CA GLY A 149 2.44 -18.59 20.92
C GLY A 149 2.79 -19.16 19.58
N LYS A 150 2.51 -18.44 18.49
CA LYS A 150 2.91 -18.94 17.18
C LYS A 150 4.40 -18.79 16.95
N VAL A 151 5.03 -17.78 17.56
CA VAL A 151 6.49 -17.66 17.52
C VAL A 151 6.99 -17.52 18.96
N PRO A 152 8.25 -17.88 19.20
CA PRO A 152 8.76 -17.84 20.57
C PRO A 152 8.79 -16.42 21.10
N PRO A 153 8.65 -16.24 22.41
CA PRO A 153 8.84 -14.92 23.02
C PRO A 153 10.13 -14.26 22.55
N CYS A 154 10.07 -12.95 22.36
CA CYS A 154 11.22 -12.17 21.92
C CYS A 154 11.01 -10.74 22.36
N PRO A 155 12.07 -9.97 22.54
CA PRO A 155 11.89 -8.56 22.85
C PRO A 155 11.40 -7.77 21.65
N ILE A 156 10.52 -6.81 21.92
CA ILE A 156 9.98 -5.87 20.95
C ILE A 156 10.14 -4.48 21.55
N VAL A 157 10.91 -3.61 20.90
CA VAL A 157 11.18 -2.27 21.42
C VAL A 157 10.67 -1.24 20.43
N LEU A 158 9.82 -0.33 20.90
CA LEU A 158 9.42 0.85 20.15
C LEU A 158 10.35 2.00 20.51
N VAL A 159 10.90 2.67 19.50
CA VAL A 159 11.89 3.73 19.74
C VAL A 159 11.22 5.09 19.59
N GLY A 160 11.25 5.87 20.67
CA GLY A 160 10.72 7.23 20.65
C GLY A 160 9.53 7.34 21.59
N LYS A 161 9.79 7.65 22.87
CA LYS A 161 8.69 7.67 23.85
C LYS A 161 7.64 8.68 23.45
N ALA A 162 8.04 9.82 22.88
CA ALA A 162 7.06 10.84 22.55
C ALA A 162 6.21 10.43 21.35
N PHE A 163 6.84 9.90 20.29
CA PHE A 163 6.07 9.47 19.12
C PHE A 163 5.06 8.38 19.48
N TRP A 164 5.51 7.38 20.24
CA TRP A 164 4.67 6.20 20.50
C TRP A 164 3.71 6.41 21.66
N SER A 165 3.91 7.46 22.46
CA SER A 165 3.11 7.60 23.68
C SER A 165 1.62 7.66 23.38
N GLY A 166 1.22 8.38 22.32
CA GLY A 166 -0.20 8.44 21.98
C GLY A 166 -0.81 7.07 21.76
N LEU A 167 -0.07 6.19 21.07
CA LEU A 167 -0.55 4.84 20.83
C LEU A 167 -0.54 4.02 22.11
N ALA A 168 0.55 4.11 22.88
CA ALA A 168 0.63 3.33 24.12
C ALA A 168 -0.47 3.75 25.09
N GLU A 169 -0.76 5.05 25.15
CA GLU A 169 -1.85 5.52 26.02
C GLU A 169 -3.20 5.03 25.53
N TRP A 170 -3.40 5.01 24.21
CA TRP A 170 -4.66 4.52 23.65
C TRP A 170 -4.84 3.03 23.94
N ILE A 171 -3.76 2.25 23.79
CA ILE A 171 -3.82 0.82 24.13
C ILE A 171 -4.24 0.64 25.59
N ASN A 172 -3.70 1.47 26.49
CA ASN A 172 -4.00 1.32 27.92
C ASN A 172 -5.43 1.76 28.22
N ALA A 173 -5.87 2.88 27.64
CA ALA A 173 -7.18 3.43 27.97
C ALA A 173 -8.32 2.66 27.30
N GLN A 174 -8.09 2.11 26.11
CA GLN A 174 -9.16 1.47 25.36
C GLN A 174 -9.03 -0.05 25.29
N LEU A 175 -7.87 -0.59 24.98
CA LEU A 175 -7.74 -2.05 24.89
C LEU A 175 -7.66 -2.68 26.28
N LEU A 176 -6.72 -2.23 27.11
CA LEU A 176 -6.51 -2.86 28.41
C LEU A 176 -7.66 -2.59 29.37
N ALA A 177 -8.13 -1.34 29.42
CA ALA A 177 -9.18 -0.99 30.38
C ALA A 177 -10.52 -1.63 30.02
N ARG A 178 -10.74 -1.95 28.74
CA ARG A 178 -11.96 -2.65 28.35
C ARG A 178 -11.80 -4.17 28.36
N GLY A 179 -10.63 -4.67 28.77
CA GLY A 179 -10.43 -6.09 28.84
C GLY A 179 -10.23 -6.78 27.51
N LEU A 180 -9.90 -6.05 26.46
CA LEU A 180 -9.65 -6.68 25.17
C LEU A 180 -8.27 -7.32 25.08
N ILE A 181 -7.34 -6.89 25.94
CA ILE A 181 -6.04 -7.50 26.12
C ILE A 181 -5.79 -7.58 27.62
N SER A 182 -4.81 -8.40 27.99
CA SER A 182 -4.43 -8.59 29.39
C SER A 182 -3.25 -7.69 29.73
N GLU A 183 -2.98 -7.53 31.04
CA GLU A 183 -1.82 -6.76 31.47
C GLU A 183 -0.54 -7.39 30.96
N GLY A 184 -0.52 -8.72 30.84
CA GLY A 184 0.64 -9.38 30.27
C GLY A 184 0.87 -8.99 28.84
N ALA A 185 -0.21 -8.68 28.11
CA ALA A 185 -0.08 -8.28 26.71
C ALA A 185 0.65 -6.95 26.58
N VAL A 186 0.34 -5.98 27.45
CA VAL A 186 1.00 -4.69 27.33
C VAL A 186 2.48 -4.84 27.60
N SER A 187 2.87 -5.79 28.47
CA SER A 187 4.27 -5.99 28.78
C SER A 187 5.06 -6.65 27.65
N LEU A 188 4.41 -7.01 26.53
CA LEU A 188 5.14 -7.65 25.42
C LEU A 188 6.05 -6.69 24.67
N PHE A 189 5.87 -5.38 24.82
CA PHE A 189 6.74 -4.42 24.18
C PHE A 189 7.21 -3.40 25.20
N ALA A 190 8.40 -2.86 24.94
CA ALA A 190 8.96 -1.77 25.72
C ALA A 190 9.08 -0.56 24.82
N ILE A 191 9.18 0.63 25.42
CA ILE A 191 9.36 1.87 24.68
C ILE A 191 10.60 2.57 25.23
N SER A 192 11.48 3.06 24.35
CA SER A 192 12.73 3.62 24.86
C SER A 192 13.22 4.74 23.95
N ASP A 193 13.99 5.68 24.55
CA ASP A 193 14.69 6.74 23.82
C ASP A 193 16.21 6.50 23.75
N ASP A 194 16.73 5.46 24.38
CA ASP A 194 18.15 5.41 24.71
C ASP A 194 18.80 4.15 24.17
N GLU A 195 19.86 4.32 23.40
CA GLU A 195 20.52 3.17 22.78
C GLU A 195 21.03 2.18 23.84
N ASP A 196 21.66 2.69 24.92
CA ASP A 196 22.18 1.79 25.93
C ASP A 196 21.05 0.98 26.56
N GLU A 197 19.95 1.64 26.89
CA GLU A 197 18.81 0.94 27.47
C GLU A 197 18.24 -0.08 26.49
N ILE A 198 18.18 0.26 25.21
CA ILE A 198 17.64 -0.67 24.22
C ILE A 198 18.53 -1.91 24.12
N VAL A 199 19.84 -1.70 23.98
CA VAL A 199 20.75 -2.83 23.82
C VAL A 199 20.70 -3.73 25.06
N ALA A 200 20.64 -3.13 26.24
CA ALA A 200 20.56 -3.91 27.47
C ALA A 200 19.27 -4.72 27.52
N TYR A 201 18.16 -4.10 27.13
CA TYR A 201 16.86 -4.78 27.13
C TYR A 201 16.87 -5.98 26.18
N LEU A 202 17.42 -5.79 24.97
CA LEU A 202 17.46 -6.89 24.01
C LEU A 202 18.25 -8.06 24.57
N SER A 203 19.42 -7.79 25.15
CA SER A 203 20.25 -8.85 25.72
C SER A 203 19.57 -9.53 26.89
N GLU A 204 18.92 -8.74 27.77
CA GLU A 204 18.27 -9.31 28.94
C GLU A 204 17.16 -10.27 28.54
N HIS A 205 16.51 -10.03 27.40
CA HIS A 205 15.41 -10.87 26.97
C HIS A 205 15.79 -11.83 25.83
N GLY A 206 17.08 -12.16 25.70
CA GLY A 206 17.48 -13.34 24.96
C GLY A 206 18.25 -13.10 23.68
N LEU A 207 18.41 -11.86 23.23
CA LEU A 207 19.14 -11.63 22.01
C LEU A 207 20.63 -11.83 22.26
N GLN A 208 21.26 -12.70 21.46
CA GLN A 208 22.61 -13.18 21.78
C GLN A 208 23.66 -12.15 21.36
N THR A 209 23.99 -11.24 22.29
CA THR A 209 25.08 -10.27 22.09
C THR A 209 26.44 -10.96 22.21
N ALA A 210 27.48 -10.29 21.74
CA ALA A 210 28.85 -10.83 21.80
C ALA A 210 29.26 -11.07 23.25
N PRO B 8 5.17 -32.00 2.73
CA PRO B 8 4.40 -32.31 3.94
C PRO B 8 3.78 -31.08 4.62
N GLU B 9 4.53 -29.97 4.70
CA GLU B 9 4.05 -28.80 5.42
C GLU B 9 3.34 -27.81 4.50
N GLN B 10 4.06 -27.25 3.52
CA GLN B 10 3.46 -26.37 2.53
C GLN B 10 2.25 -27.02 1.87
N ALA B 11 2.27 -28.35 1.71
CA ALA B 11 1.13 -29.03 1.08
C ALA B 11 -0.12 -28.89 1.94
N ARG B 12 0.03 -28.93 3.27
CA ARG B 12 -1.12 -28.80 4.15
C ARG B 12 -1.72 -27.40 4.04
N TYR B 13 -0.88 -26.36 4.02
CA TYR B 13 -1.40 -25.00 3.88
C TYR B 13 -2.02 -24.81 2.50
N ASP B 14 -1.40 -25.38 1.47
CA ASP B 14 -1.98 -25.34 0.12
C ASP B 14 -3.38 -25.95 0.11
N ALA B 15 -3.56 -27.09 0.80
CA ALA B 15 -4.85 -27.76 0.78
C ALA B 15 -5.90 -26.94 1.52
N GLU B 16 -5.53 -26.34 2.64
CA GLU B 16 -6.44 -25.46 3.36
C GLU B 16 -6.85 -24.28 2.49
N ARG B 17 -5.90 -23.71 1.75
CA ARG B 17 -6.20 -22.63 0.82
C ARG B 17 -7.16 -23.10 -0.27
N ARG B 18 -6.86 -24.23 -0.92
CA ARG B 18 -7.75 -24.73 -1.98
C ARG B 18 -9.13 -25.09 -1.43
N GLN B 19 -9.18 -25.69 -0.24
CA GLN B 19 -10.49 -25.95 0.37
C GLN B 19 -11.30 -24.68 0.51
N ALA B 20 -10.66 -23.58 0.89
CA ALA B 20 -11.37 -22.31 1.01
C ALA B 20 -11.81 -21.79 -0.35
N ASP B 21 -10.95 -21.93 -1.36
CA ASP B 21 -11.32 -21.47 -2.70
C ASP B 21 -12.49 -22.27 -3.23
N GLU B 22 -12.45 -23.59 -3.02
CA GLU B 22 -13.55 -24.46 -3.42
C GLU B 22 -14.84 -24.01 -2.76
N ALA B 23 -14.80 -23.77 -1.44
CA ALA B 23 -16.01 -23.51 -0.68
C ALA B 23 -16.60 -22.14 -0.99
N LEU B 24 -15.77 -21.13 -1.28
CA LEU B 24 -16.20 -19.76 -1.44
C LEU B 24 -16.34 -19.36 -2.90
N ALA B 25 -16.27 -20.34 -3.82
CA ALA B 25 -16.18 -20.04 -5.25
C ALA B 25 -17.38 -19.22 -5.73
N GLY B 26 -18.59 -19.60 -5.31
CA GLY B 26 -19.74 -18.83 -5.74
C GLY B 26 -20.21 -17.76 -4.78
N VAL B 27 -19.42 -17.45 -3.75
CA VAL B 27 -19.85 -16.54 -2.70
C VAL B 27 -19.43 -15.13 -3.07
N PHE B 28 -20.41 -14.29 -3.41
CA PHE B 28 -20.20 -12.90 -3.78
C PHE B 28 -21.55 -12.21 -3.79
N PRO B 29 -21.69 -11.01 -3.21
CA PRO B 29 -20.67 -10.20 -2.53
C PRO B 29 -20.47 -10.63 -1.08
N ALA B 30 -19.38 -10.18 -0.45
CA ALA B 30 -19.12 -10.57 0.94
C ALA B 30 -18.46 -9.42 1.69
N VAL B 31 -18.70 -9.37 3.01
CA VAL B 31 -18.09 -8.40 3.91
C VAL B 31 -17.39 -9.19 5.02
N SER B 32 -16.24 -8.71 5.48
CA SER B 32 -15.63 -9.31 6.67
C SER B 32 -15.93 -8.44 7.87
N ILE B 33 -16.19 -9.08 9.01
CA ILE B 33 -16.39 -8.38 10.27
C ILE B 33 -15.31 -8.87 11.21
N PHE B 34 -14.48 -7.94 11.71
CA PHE B 34 -13.41 -8.20 12.66
C PHE B 34 -13.80 -7.67 14.04
N GLY B 35 -13.12 -8.15 15.07
CA GLY B 35 -13.39 -7.68 16.42
C GLY B 35 -12.99 -8.71 17.43
N SER B 36 -13.10 -8.33 18.70
CA SER B 36 -12.51 -9.07 19.82
C SER B 36 -13.21 -10.40 20.07
N ALA B 37 -12.40 -11.45 20.26
CA ALA B 37 -12.95 -12.74 20.68
C ALA B 37 -13.54 -12.69 22.09
N ARG B 38 -13.23 -11.64 22.86
CA ARG B 38 -13.54 -11.55 24.27
C ARG B 38 -14.83 -10.80 24.57
N THR B 39 -15.45 -10.20 23.58
CA THR B 39 -16.64 -9.39 23.82
C THR B 39 -17.79 -10.29 24.29
N PRO B 40 -18.36 -10.06 25.47
CA PRO B 40 -19.40 -10.96 25.98
C PRO B 40 -20.68 -10.89 25.16
N GLN B 41 -21.46 -11.98 25.23
CA GLN B 41 -22.71 -12.07 24.48
C GLN B 41 -23.73 -11.01 24.90
N ASN B 42 -23.61 -10.44 26.10
CA ASN B 42 -24.55 -9.39 26.55
C ASN B 42 -24.01 -7.98 26.34
N HIS B 43 -22.90 -7.83 25.61
CA HIS B 43 -22.30 -6.51 25.40
C HIS B 43 -22.99 -5.77 24.25
N ALA B 44 -23.01 -4.44 24.35
CA ALA B 44 -23.62 -3.64 23.30
C ALA B 44 -22.96 -3.88 21.94
N ASP B 45 -21.65 -4.10 21.93
CA ASP B 45 -20.97 -4.30 20.66
C ASP B 45 -21.30 -5.65 20.04
N TYR B 46 -21.55 -6.66 20.88
CA TYR B 46 -22.01 -7.95 20.37
C TYR B 46 -23.37 -7.81 19.68
N ALA B 47 -24.31 -7.12 20.34
CA ALA B 47 -25.62 -6.91 19.73
C ALA B 47 -25.49 -6.13 18.43
N PHE B 48 -24.66 -5.09 18.42
CA PHE B 48 -24.52 -4.25 17.23
C PHE B 48 -24.03 -5.06 16.04
N ALA B 49 -23.02 -5.90 16.26
CA ALA B 49 -22.42 -6.65 15.16
C ALA B 49 -23.39 -7.72 14.67
N CYS B 50 -24.12 -8.34 15.60
CA CYS B 50 -25.17 -9.29 15.22
C CYS B 50 -26.25 -8.61 14.37
N ARG B 51 -26.77 -7.48 14.84
CA ARG B 51 -27.81 -6.78 14.08
C ARG B 51 -27.31 -6.35 12.71
N LEU B 52 -26.07 -5.83 12.65
CA LEU B 52 -25.50 -5.40 11.36
C LEU B 52 -25.34 -6.59 10.43
N ALA B 53 -24.78 -7.68 10.93
CA ALA B 53 -24.57 -8.86 10.07
C ALA B 53 -25.89 -9.39 9.53
N ARG B 54 -26.93 -9.42 10.37
CA ARG B 54 -28.25 -9.87 9.91
C ARG B 54 -28.77 -8.96 8.80
N ARG B 55 -28.54 -7.66 8.93
CA ARG B 55 -29.09 -6.75 7.94
C ARG B 55 -28.34 -6.85 6.63
N LEU B 56 -27.01 -6.91 6.69
CA LEU B 56 -26.23 -7.15 5.49
C LEU B 56 -26.64 -8.47 4.84
N SER B 57 -26.80 -9.52 5.66
CA SER B 57 -27.14 -10.84 5.14
C SER B 57 -28.46 -10.78 4.40
N ASP B 58 -29.47 -10.14 4.98
CA ASP B 58 -30.76 -10.04 4.34
C ASP B 58 -30.74 -9.18 3.09
N SER B 59 -29.68 -8.38 2.89
CA SER B 59 -29.49 -7.64 1.65
C SER B 59 -28.68 -8.41 0.62
N GLY B 60 -28.38 -9.68 0.87
CA GLY B 60 -27.68 -10.48 -0.11
C GLY B 60 -26.18 -10.57 0.07
N ILE B 61 -25.64 -10.03 1.18
CA ILE B 61 -24.20 -9.97 1.40
C ILE B 61 -23.79 -11.09 2.35
N ALA B 62 -22.88 -11.95 1.91
CA ALA B 62 -22.29 -12.94 2.79
C ALA B 62 -21.43 -12.25 3.84
N VAL B 63 -21.33 -12.87 5.01
CA VAL B 63 -20.57 -12.30 6.12
C VAL B 63 -19.51 -13.31 6.52
N ILE B 64 -18.26 -12.87 6.55
CA ILE B 64 -17.09 -13.67 6.90
C ILE B 64 -16.53 -13.15 8.22
N SER B 65 -16.32 -14.06 9.17
CA SER B 65 -15.67 -13.72 10.42
C SER B 65 -14.62 -14.76 10.74
N GLY B 66 -13.87 -14.53 11.82
CA GLY B 66 -12.88 -15.51 12.24
C GLY B 66 -13.41 -16.76 12.91
N GLY B 67 -14.73 -16.90 13.06
CA GLY B 67 -15.34 -18.19 13.43
C GLY B 67 -15.28 -18.56 14.91
N GLY B 68 -14.68 -17.76 15.77
CA GLY B 68 -14.63 -18.06 17.18
C GLY B 68 -15.73 -17.39 17.98
N PRO B 69 -15.46 -17.12 19.27
CA PRO B 69 -16.46 -16.48 20.13
C PRO B 69 -16.47 -14.98 20.00
N GLY B 70 -17.18 -14.27 20.91
CA GLY B 70 -17.10 -12.82 20.88
C GLY B 70 -17.71 -12.23 19.61
N ILE B 71 -17.06 -11.18 19.09
CA ILE B 71 -17.56 -10.51 17.88
C ILE B 71 -17.67 -11.50 16.72
N MET B 72 -16.76 -12.47 16.64
CA MET B 72 -16.84 -13.44 15.55
C MET B 72 -18.15 -14.21 15.61
N GLU B 73 -18.60 -14.55 16.82
CA GLU B 73 -19.83 -15.30 16.95
C GLU B 73 -21.05 -14.40 16.72
N ALA B 74 -21.01 -13.16 17.21
CA ALA B 74 -22.10 -12.21 16.96
C ALA B 74 -22.31 -12.03 15.46
N ALA B 75 -21.22 -11.88 14.72
CA ALA B 75 -21.31 -11.73 13.26
C ALA B 75 -21.89 -12.97 12.61
N ASN B 76 -21.36 -14.15 12.96
CA ASN B 76 -21.90 -15.38 12.36
C ASN B 76 -23.37 -15.59 12.76
N LYS B 77 -23.73 -15.26 14.00
CA LYS B 77 -25.11 -15.48 14.46
C LYS B 77 -26.09 -14.67 13.64
N GLY B 78 -25.80 -13.39 13.42
CA GLY B 78 -26.71 -12.55 12.65
C GLY B 78 -26.76 -12.99 11.20
N ALA B 79 -25.60 -13.32 10.62
CA ALA B 79 -25.58 -13.75 9.22
C ALA B 79 -26.29 -15.08 9.04
N PHE B 80 -26.13 -15.98 10.01
CA PHE B 80 -26.72 -17.32 9.94
C PHE B 80 -28.23 -17.25 9.95
N ALA B 81 -28.81 -16.30 10.71
CA ALA B 81 -30.24 -16.07 10.71
C ALA B 81 -30.70 -15.33 9.44
N GLY B 82 -29.79 -14.72 8.67
CA GLY B 82 -30.16 -13.96 7.49
C GLY B 82 -30.12 -14.78 6.20
N LYS B 83 -30.61 -14.16 5.10
CA LYS B 83 -30.78 -14.91 3.85
C LYS B 83 -29.45 -15.36 3.25
N SER B 84 -28.35 -14.68 3.51
CA SER B 84 -27.08 -15.00 2.89
C SER B 84 -26.21 -15.90 3.79
N VAL B 85 -25.08 -16.36 3.24
CA VAL B 85 -24.30 -17.38 3.93
C VAL B 85 -23.44 -16.73 5.01
N SER B 86 -23.14 -17.52 6.04
CA SER B 86 -22.30 -17.14 7.17
C SER B 86 -21.04 -18.01 7.12
N VAL B 87 -19.88 -17.36 7.03
CA VAL B 87 -18.58 -18.04 6.85
C VAL B 87 -17.73 -17.82 8.09
N GLY B 88 -17.15 -18.89 8.61
CA GLY B 88 -16.14 -18.79 9.66
C GLY B 88 -14.78 -19.27 9.16
N LEU B 89 -13.76 -18.42 9.36
CA LEU B 89 -12.37 -18.79 9.04
C LEU B 89 -11.65 -19.14 10.34
N ASN B 90 -11.79 -20.40 10.77
CA ASN B 90 -11.39 -20.80 12.11
C ASN B 90 -9.89 -21.05 12.16
N ILE B 91 -9.24 -20.55 13.22
CA ILE B 91 -7.78 -20.56 13.32
C ILE B 91 -7.36 -21.59 14.38
N VAL B 92 -6.29 -22.32 14.08
CA VAL B 92 -5.72 -23.29 15.01
C VAL B 92 -4.71 -22.55 15.89
N LEU B 93 -5.04 -22.44 17.17
CA LEU B 93 -4.21 -21.75 18.14
C LEU B 93 -3.69 -22.74 19.19
N PRO B 94 -2.48 -22.51 19.71
CA PRO B 94 -2.02 -23.34 20.84
C PRO B 94 -3.00 -23.36 22.01
N HIS B 95 -3.59 -22.21 22.35
CA HIS B 95 -4.75 -22.16 23.24
C HIS B 95 -5.99 -22.27 22.36
N GLU B 96 -6.55 -23.48 22.28
CA GLU B 96 -7.52 -23.82 21.24
C GLU B 96 -8.75 -22.89 21.29
N GLN B 97 -9.16 -22.42 20.12
CA GLN B 97 -10.36 -21.61 19.95
C GLN B 97 -11.44 -22.47 19.33
N LYS B 98 -12.58 -22.63 20.05
CA LYS B 98 -13.65 -23.49 19.55
C LYS B 98 -14.52 -22.73 18.57
N PRO B 99 -14.93 -23.37 17.47
CA PRO B 99 -15.75 -22.66 16.47
C PRO B 99 -17.15 -22.46 17.00
N ASN B 100 -17.71 -21.30 16.69
CA ASN B 100 -19.07 -21.01 17.12
C ASN B 100 -20.07 -21.76 16.25
N PRO B 101 -21.31 -21.95 16.73
CA PRO B 101 -22.24 -22.86 16.05
C PRO B 101 -22.96 -22.25 14.87
N TYR B 102 -22.62 -21.04 14.43
CA TYR B 102 -23.47 -20.28 13.52
C TYR B 102 -22.84 -20.10 12.14
N GLN B 103 -22.13 -21.13 11.67
CA GLN B 103 -21.44 -21.09 10.39
C GLN B 103 -22.12 -21.98 9.35
N ASP B 104 -22.55 -21.38 8.24
CA ASP B 104 -22.95 -22.19 7.08
C ASP B 104 -21.74 -22.83 6.43
N ILE B 105 -20.63 -22.09 6.36
CA ILE B 105 -19.39 -22.56 5.76
C ILE B 105 -18.32 -22.44 6.82
N ALA B 106 -17.84 -23.58 7.33
CA ALA B 106 -16.81 -23.62 8.37
C ALA B 106 -15.48 -24.06 7.75
N LEU B 107 -14.53 -23.15 7.66
CA LEU B 107 -13.21 -23.44 7.13
C LEU B 107 -12.19 -23.39 8.26
N ARG B 108 -11.06 -24.09 8.07
CA ARG B 108 -10.05 -24.17 9.13
C ARG B 108 -8.67 -23.89 8.56
N PHE B 109 -7.83 -23.21 9.35
CA PHE B 109 -6.48 -22.79 8.92
C PHE B 109 -5.45 -23.03 10.01
N SER B 110 -4.29 -23.57 9.62
CA SER B 110 -3.22 -23.78 10.59
C SER B 110 -2.47 -22.50 10.90
N ARG B 111 -2.46 -21.53 9.99
CA ARG B 111 -1.68 -20.32 10.16
C ARG B 111 -2.52 -19.08 9.89
N PHE B 112 -2.12 -17.98 10.54
CA PHE B 112 -2.75 -16.69 10.30
C PHE B 112 -2.65 -16.26 8.84
N ALA B 113 -1.56 -16.65 8.15
CA ALA B 113 -1.33 -16.12 6.80
C ALA B 113 -2.41 -16.54 5.82
N GLU B 114 -2.67 -17.85 5.71
CA GLU B 114 -3.70 -18.30 4.78
C GLU B 114 -5.07 -17.76 5.18
N ARG B 115 -5.34 -17.71 6.49
CA ARG B 115 -6.59 -17.16 7.00
C ARG B 115 -6.82 -15.74 6.51
N LYS B 116 -5.84 -14.85 6.72
CA LYS B 116 -6.01 -13.46 6.26
C LYS B 116 -6.06 -13.35 4.74
N ALA B 117 -5.30 -14.20 4.03
CA ALA B 117 -5.38 -14.19 2.57
C ALA B 117 -6.81 -14.45 2.12
N VAL B 118 -7.52 -15.35 2.79
CA VAL B 118 -8.90 -15.66 2.41
C VAL B 118 -9.81 -14.47 2.70
N PHE B 119 -9.68 -13.89 3.90
CA PHE B 119 -10.41 -12.66 4.23
C PHE B 119 -10.26 -11.63 3.11
N PHE B 120 -9.02 -11.37 2.72
CA PHE B 120 -8.74 -10.25 1.84
C PHE B 120 -9.03 -10.58 0.38
N ARG B 121 -9.06 -11.86 0.02
CA ARG B 121 -9.41 -12.22 -1.35
C ARG B 121 -10.92 -12.21 -1.59
N TYR B 122 -11.72 -12.57 -0.58
CA TYR B 122 -13.15 -12.85 -0.82
C TYR B 122 -14.09 -11.79 -0.27
N SER B 123 -13.56 -10.69 0.28
CA SER B 123 -14.35 -9.60 0.84
C SER B 123 -14.23 -8.36 -0.03
N GLN B 124 -15.31 -7.60 -0.13
CA GLN B 124 -15.28 -6.31 -0.80
C GLN B 124 -15.49 -5.17 0.18
N ALA B 125 -15.51 -5.44 1.48
CA ALA B 125 -15.63 -4.40 2.50
C ALA B 125 -15.30 -5.00 3.85
N TYR B 126 -14.98 -4.10 4.81
CA TYR B 126 -14.54 -4.49 6.13
C TYR B 126 -15.27 -3.66 7.18
N VAL B 127 -15.72 -4.33 8.24
CA VAL B 127 -16.31 -3.69 9.42
C VAL B 127 -15.49 -4.14 10.61
N VAL B 128 -14.94 -3.19 11.37
CA VAL B 128 -13.99 -3.48 12.43
C VAL B 128 -14.60 -3.01 13.75
N MET B 129 -15.16 -3.97 14.51
CA MET B 129 -15.52 -3.79 15.91
C MET B 129 -14.26 -3.64 16.76
N PRO B 130 -14.41 -3.09 17.97
CA PRO B 130 -13.26 -3.00 18.88
C PRO B 130 -12.64 -4.37 19.13
N GLY B 131 -11.31 -4.41 19.09
CA GLY B 131 -10.58 -5.65 19.31
C GLY B 131 -9.17 -5.38 19.77
N GLY B 132 -8.46 -6.47 20.02
CA GLY B 132 -7.10 -6.43 20.54
C GLY B 132 -6.05 -6.45 19.45
N PHE B 133 -4.89 -7.02 19.78
CA PHE B 133 -3.75 -6.95 18.86
C PHE B 133 -4.07 -7.66 17.56
N GLY B 134 -4.86 -8.74 17.63
CA GLY B 134 -5.13 -9.52 16.43
C GLY B 134 -6.06 -8.80 15.47
N THR B 135 -6.99 -8.00 16.03
CA THR B 135 -7.82 -7.11 15.22
C THR B 135 -7.02 -5.97 14.63
N LEU B 136 -6.06 -5.41 15.37
CA LEU B 136 -5.23 -4.34 14.83
C LEU B 136 -4.26 -4.85 13.76
N ASP B 137 -3.76 -6.09 13.90
CA ASP B 137 -3.01 -6.73 12.81
C ASP B 137 -3.84 -6.75 11.53
N GLU B 138 -5.06 -7.27 11.61
CA GLU B 138 -5.97 -7.27 10.45
C GLU B 138 -6.20 -5.88 9.88
N LEU B 139 -6.46 -4.90 10.76
CA LEU B 139 -6.79 -3.54 10.31
C LEU B 139 -5.62 -2.91 9.56
N PHE B 140 -4.44 -2.86 10.20
CA PHE B 140 -3.32 -2.23 9.52
C PHE B 140 -2.82 -3.05 8.35
N GLU B 141 -3.08 -4.36 8.34
CA GLU B 141 -2.73 -5.16 7.16
C GLU B 141 -3.59 -4.78 5.97
N ILE B 142 -4.91 -4.64 6.16
CA ILE B 142 -5.73 -4.31 5.00
C ILE B 142 -5.44 -2.88 4.54
N LEU B 143 -5.22 -1.96 5.48
CA LEU B 143 -4.84 -0.60 5.09
C LEU B 143 -3.55 -0.61 4.28
N THR B 144 -2.56 -1.41 4.70
CA THR B 144 -1.31 -1.50 3.95
C THR B 144 -1.53 -2.11 2.56
N LEU B 145 -2.28 -3.21 2.50
CA LEU B 145 -2.54 -3.84 1.20
C LEU B 145 -3.28 -2.91 0.23
N VAL B 146 -4.24 -2.12 0.74
CA VAL B 146 -4.92 -1.14 -0.13
C VAL B 146 -3.96 -0.04 -0.56
N GLN B 147 -3.21 0.53 0.40
CA GLN B 147 -2.32 1.65 0.13
C GLN B 147 -1.25 1.30 -0.90
N THR B 148 -0.76 0.06 -0.89
CA THR B 148 0.31 -0.37 -1.78
C THR B 148 -0.19 -1.03 -3.06
N GLY B 149 -1.51 -1.02 -3.29
CA GLY B 149 -2.08 -1.58 -4.49
C GLY B 149 -2.10 -3.09 -4.59
N LYS B 150 -1.98 -3.81 -3.47
CA LYS B 150 -2.06 -5.26 -3.52
C LYS B 150 -3.51 -5.76 -3.49
N VAL B 151 -4.43 -4.97 -2.97
CA VAL B 151 -5.83 -5.33 -2.86
C VAL B 151 -6.59 -4.10 -3.34
N PRO B 152 -7.70 -4.27 -4.06
CA PRO B 152 -8.39 -3.09 -4.59
C PRO B 152 -8.95 -2.24 -3.46
N PRO B 153 -9.09 -0.94 -3.69
CA PRO B 153 -9.67 -0.07 -2.65
C PRO B 153 -11.09 -0.51 -2.35
N CYS B 154 -11.44 -0.49 -1.07
CA CYS B 154 -12.72 -1.00 -0.59
C CYS B 154 -13.10 -0.24 0.66
N PRO B 155 -14.39 -0.23 1.03
CA PRO B 155 -14.79 0.43 2.27
C PRO B 155 -14.24 -0.28 3.50
N ILE B 156 -13.74 0.52 4.45
CA ILE B 156 -13.30 0.02 5.75
C ILE B 156 -13.96 0.91 6.80
N VAL B 157 -14.79 0.31 7.66
CA VAL B 157 -15.54 1.05 8.68
C VAL B 157 -15.07 0.60 10.06
N LEU B 158 -14.66 1.55 10.88
CA LEU B 158 -14.36 1.30 12.29
C LEU B 158 -15.59 1.68 13.11
N VAL B 159 -16.05 0.76 13.95
CA VAL B 159 -17.30 0.94 14.69
C VAL B 159 -16.96 1.29 16.14
N GLY B 160 -17.45 2.44 16.59
CA GLY B 160 -17.21 2.87 17.95
C GLY B 160 -16.41 4.15 17.97
N LYS B 161 -17.09 5.29 17.85
CA LYS B 161 -16.36 6.57 17.80
C LYS B 161 -15.50 6.77 19.04
N ALA B 162 -16.03 6.45 20.23
CA ALA B 162 -15.23 6.62 21.45
C ALA B 162 -14.04 5.68 21.47
N PHE B 163 -14.22 4.43 21.03
CA PHE B 163 -13.12 3.47 21.07
C PHE B 163 -12.02 3.86 20.11
N TRP B 164 -12.37 4.26 18.89
CA TRP B 164 -11.37 4.44 17.83
C TRP B 164 -10.80 5.86 17.75
N SER B 165 -11.46 6.87 18.33
CA SER B 165 -11.09 8.25 18.05
C SER B 165 -9.65 8.54 18.49
N GLY B 166 -9.22 7.95 19.61
CA GLY B 166 -7.85 8.18 20.07
C GLY B 166 -6.80 7.67 19.10
N LEU B 167 -7.06 6.53 18.47
CA LEU B 167 -6.13 6.02 17.47
C LEU B 167 -6.10 6.91 16.23
N ALA B 168 -7.28 7.34 15.78
CA ALA B 168 -7.36 8.20 14.60
C ALA B 168 -6.66 9.54 14.84
N GLU B 169 -6.79 10.09 16.04
CA GLU B 169 -6.15 11.37 16.34
C GLU B 169 -4.63 11.22 16.42
N TRP B 170 -4.14 10.11 16.95
CA TRP B 170 -2.70 9.82 16.93
C TRP B 170 -2.20 9.64 15.50
N ILE B 171 -2.93 8.88 14.67
CA ILE B 171 -2.54 8.73 13.27
C ILE B 171 -2.45 10.10 12.59
N ASN B 172 -3.45 10.96 12.81
CA ASN B 172 -3.46 12.26 12.14
C ASN B 172 -2.30 13.14 12.60
N ALA B 173 -2.07 13.18 13.90
CA ALA B 173 -1.07 14.10 14.46
C ALA B 173 0.36 13.60 14.30
N GLN B 174 0.60 12.29 14.49
CA GLN B 174 1.96 11.78 14.54
C GLN B 174 2.40 11.01 13.29
N LEU B 175 1.48 10.46 12.51
CA LEU B 175 1.85 9.82 11.24
C LEU B 175 1.69 10.77 10.06
N LEU B 176 0.46 11.24 9.80
CA LEU B 176 0.22 12.16 8.70
C LEU B 176 1.06 13.42 8.80
N ALA B 177 1.15 14.01 9.98
CA ALA B 177 1.87 15.28 10.08
C ALA B 177 3.39 15.11 10.08
N ARG B 178 3.91 13.89 10.23
CA ARG B 178 5.32 13.60 9.96
C ARG B 178 5.56 13.05 8.55
N GLY B 179 4.54 12.99 7.71
CA GLY B 179 4.70 12.40 6.39
C GLY B 179 4.94 10.89 6.38
N LEU B 180 4.55 10.18 7.43
CA LEU B 180 4.71 8.72 7.45
C LEU B 180 3.60 8.00 6.67
N ILE B 181 2.51 8.69 6.36
CA ILE B 181 1.43 8.17 5.52
C ILE B 181 1.03 9.29 4.56
N SER B 182 0.29 8.91 3.53
CA SER B 182 -0.16 9.82 2.49
C SER B 182 -1.39 10.61 2.96
N GLU B 183 -1.63 11.74 2.30
CA GLU B 183 -2.81 12.53 2.67
C GLU B 183 -4.10 11.78 2.43
N GLY B 184 -4.12 10.87 1.46
CA GLY B 184 -5.28 10.03 1.22
C GLY B 184 -5.39 8.83 2.13
N ALA B 185 -4.35 8.53 2.92
CA ALA B 185 -4.37 7.36 3.79
C ALA B 185 -5.42 7.48 4.89
N VAL B 186 -5.71 8.72 5.32
CA VAL B 186 -6.73 8.92 6.34
C VAL B 186 -8.13 8.74 5.79
N SER B 187 -8.32 8.90 4.48
CA SER B 187 -9.61 8.65 3.84
C SER B 187 -9.88 7.17 3.57
N LEU B 188 -8.93 6.29 3.90
CA LEU B 188 -9.10 4.86 3.63
C LEU B 188 -10.15 4.22 4.52
N PHE B 189 -10.43 4.80 5.69
CA PHE B 189 -11.40 4.24 6.64
C PHE B 189 -12.31 5.35 7.14
N ALA B 190 -13.48 4.95 7.64
CA ALA B 190 -14.41 5.84 8.30
C ALA B 190 -14.73 5.28 9.68
N ILE B 191 -15.22 6.15 10.57
CA ILE B 191 -15.57 5.76 11.92
C ILE B 191 -17.04 6.10 12.15
N SER B 192 -17.79 5.15 12.72
CA SER B 192 -19.22 5.35 12.91
C SER B 192 -19.73 4.50 14.06
N ASP B 193 -20.88 4.89 14.63
CA ASP B 193 -21.56 3.87 15.43
C ASP B 193 -23.07 3.91 15.22
N ASP B 194 -23.49 4.33 14.04
CA ASP B 194 -24.88 4.26 13.60
C ASP B 194 -25.04 3.21 12.51
N GLU B 195 -25.92 2.23 12.75
CA GLU B 195 -26.11 1.16 11.78
C GLU B 195 -26.55 1.69 10.42
N ASP B 196 -27.52 2.61 10.41
CA ASP B 196 -27.97 3.19 9.15
C ASP B 196 -26.81 3.86 8.41
N GLU B 197 -26.07 4.71 9.10
CA GLU B 197 -24.87 5.35 8.54
C GLU B 197 -23.93 4.33 7.91
N ILE B 198 -23.66 3.23 8.63
CA ILE B 198 -22.69 2.24 8.17
C ILE B 198 -23.21 1.53 6.93
N VAL B 199 -24.48 1.13 6.94
CA VAL B 199 -25.03 0.44 5.77
C VAL B 199 -24.99 1.37 4.57
N ALA B 200 -25.36 2.63 4.75
CA ALA B 200 -25.30 3.59 3.65
C ALA B 200 -23.87 3.75 3.14
N TYR B 201 -22.91 3.86 4.06
CA TYR B 201 -21.51 4.01 3.68
C TYR B 201 -21.01 2.81 2.89
N LEU B 202 -21.35 1.59 3.34
CA LEU B 202 -20.87 0.40 2.64
C LEU B 202 -21.44 0.34 1.24
N SER B 203 -22.74 0.63 1.09
CA SER B 203 -23.36 0.66 -0.24
C SER B 203 -22.74 1.75 -1.11
N GLU B 204 -22.80 2.99 -0.62
CA GLU B 204 -22.26 4.14 -1.33
C GLU B 204 -20.82 3.94 -1.81
N HIS B 205 -20.06 3.02 -1.22
CA HIS B 205 -18.65 2.87 -1.59
C HIS B 205 -18.32 1.51 -2.17
N GLY B 206 -19.31 0.74 -2.59
CA GLY B 206 -18.99 -0.43 -3.39
C GLY B 206 -19.60 -1.76 -2.98
N LEU B 207 -19.92 -1.93 -1.71
CA LEU B 207 -20.54 -3.17 -1.27
C LEU B 207 -21.90 -3.34 -1.95
N GLN B 208 -22.02 -4.41 -2.75
CA GLN B 208 -23.16 -4.61 -3.64
C GLN B 208 -24.42 -4.96 -2.85
N THR B 209 -25.04 -3.93 -2.28
CA THR B 209 -26.24 -4.13 -1.46
C THR B 209 -27.46 -4.37 -2.35
N ALA B 210 -28.43 -5.10 -1.81
CA ALA B 210 -29.66 -5.43 -2.54
C ALA B 210 -30.36 -4.19 -3.10
N GLU C 9 -14.98 20.72 0.78
CA GLU C 9 -14.59 19.75 -0.25
C GLU C 9 -14.42 20.45 -1.60
N GLN C 10 -15.50 21.07 -2.10
CA GLN C 10 -15.36 21.97 -3.25
C GLN C 10 -14.34 23.06 -2.95
N ALA C 11 -14.31 23.55 -1.71
CA ALA C 11 -13.32 24.52 -1.30
C ALA C 11 -11.90 24.04 -1.62
N ARG C 12 -11.59 22.79 -1.25
CA ARG C 12 -10.24 22.26 -1.46
C ARG C 12 -9.90 22.18 -2.94
N TYR C 13 -10.82 21.67 -3.76
CA TYR C 13 -10.56 21.54 -5.19
C TYR C 13 -10.23 22.88 -5.81
N ASP C 14 -11.03 23.91 -5.51
CA ASP C 14 -10.74 25.25 -6.02
C ASP C 14 -9.39 25.75 -5.53
N ALA C 15 -9.07 25.50 -4.25
CA ALA C 15 -7.78 25.93 -3.72
C ALA C 15 -6.62 25.29 -4.46
N GLU C 16 -6.74 23.99 -4.75
CA GLU C 16 -5.69 23.30 -5.48
C GLU C 16 -5.55 23.86 -6.89
N ARG C 17 -6.68 24.24 -7.50
CA ARG C 17 -6.66 24.89 -8.81
C ARG C 17 -5.89 26.20 -8.75
N ARG C 18 -6.18 27.04 -7.74
CA ARG C 18 -5.55 28.36 -7.68
C ARG C 18 -4.05 28.25 -7.41
N GLN C 19 -3.64 27.28 -6.61
CA GLN C 19 -2.23 27.08 -6.33
C GLN C 19 -1.47 26.72 -7.60
N ALA C 20 -2.04 25.86 -8.44
CA ALA C 20 -1.35 25.46 -9.65
C ALA C 20 -1.22 26.63 -10.62
N ASP C 21 -2.28 27.43 -10.73
CA ASP C 21 -2.26 28.59 -11.63
C ASP C 21 -1.20 29.60 -11.21
N GLU C 22 -1.11 29.89 -9.90
CA GLU C 22 -0.02 30.72 -9.39
C GLU C 22 1.34 30.13 -9.75
N ALA C 23 1.55 28.85 -9.42
CA ALA C 23 2.87 28.25 -9.53
C ALA C 23 3.36 28.21 -10.97
N LEU C 24 2.44 28.17 -11.93
CA LEU C 24 2.79 27.95 -13.34
C LEU C 24 2.62 29.19 -14.21
N ALA C 25 2.22 30.32 -13.63
CA ALA C 25 1.86 31.50 -14.42
C ALA C 25 3.02 31.97 -15.30
N GLY C 26 4.26 31.70 -14.91
CA GLY C 26 5.40 32.09 -15.70
C GLY C 26 6.05 31.02 -16.53
N VAL C 27 5.41 29.87 -16.71
CA VAL C 27 6.02 28.70 -17.32
C VAL C 27 5.49 28.57 -18.75
N PHE C 28 6.39 28.66 -19.74
CA PHE C 28 6.08 28.53 -21.16
C PHE C 28 7.39 28.52 -21.94
N PRO C 29 7.53 27.67 -22.96
CA PRO C 29 6.56 26.67 -23.39
C PRO C 29 6.63 25.40 -22.52
N ALA C 30 5.76 24.42 -22.77
CA ALA C 30 5.74 23.22 -21.95
C ALA C 30 5.20 22.04 -22.75
N VAL C 31 5.67 20.85 -22.38
CA VAL C 31 5.19 19.58 -22.92
C VAL C 31 4.75 18.73 -21.74
N SER C 32 3.70 17.95 -21.93
CA SER C 32 3.28 16.93 -20.99
C SER C 32 3.76 15.56 -21.46
N ILE C 33 4.26 14.75 -20.52
CA ILE C 33 4.60 13.37 -20.81
C ILE C 33 3.73 12.49 -19.92
N PHE C 34 3.00 11.56 -20.53
CA PHE C 34 2.12 10.61 -19.86
C PHE C 34 2.70 9.21 -19.97
N GLY C 35 2.24 8.32 -19.10
CA GLY C 35 2.70 6.94 -19.16
C GLY C 35 2.57 6.25 -17.82
N SER C 36 2.90 4.97 -17.83
CA SER C 36 2.54 4.07 -16.73
C SER C 36 3.28 4.43 -15.43
N ALA C 37 2.54 4.42 -14.32
CA ALA C 37 3.14 4.50 -13.00
C ALA C 37 4.00 3.29 -12.67
N ARG C 38 3.85 2.20 -13.44
CA ARG C 38 4.44 0.91 -13.13
C ARG C 38 5.70 0.60 -13.90
N THR C 39 6.13 1.45 -14.83
CA THR C 39 7.32 1.18 -15.62
C THR C 39 8.58 1.21 -14.76
N PRO C 40 9.34 0.11 -14.67
CA PRO C 40 10.50 0.07 -13.76
C PRO C 40 11.66 0.92 -14.27
N GLN C 41 12.56 1.27 -13.33
CA GLN C 41 13.68 2.14 -13.68
C GLN C 41 14.55 1.54 -14.78
N ASN C 42 14.63 0.21 -14.88
CA ASN C 42 15.54 -0.41 -15.83
C ASN C 42 14.86 -0.76 -17.16
N HIS C 43 13.63 -0.29 -17.37
CA HIS C 43 12.93 -0.54 -18.63
C HIS C 43 13.41 0.42 -19.71
N ALA C 44 13.30 -0.05 -20.96
CA ALA C 44 13.71 0.78 -22.10
C ALA C 44 12.87 2.05 -22.18
N ASP C 45 11.55 1.95 -21.96
CA ASP C 45 10.69 3.12 -22.05
C ASP C 45 11.02 4.15 -20.97
N TYR C 46 11.46 3.69 -19.79
CA TYR C 46 11.86 4.62 -18.74
C TYR C 46 13.08 5.42 -19.17
N ALA C 47 14.13 4.73 -19.65
CA ALA C 47 15.30 5.44 -20.15
C ALA C 47 14.93 6.39 -21.28
N PHE C 48 14.08 5.93 -22.20
CA PHE C 48 13.65 6.76 -23.33
C PHE C 48 12.99 8.05 -22.86
N ALA C 49 11.95 7.94 -22.03
CA ALA C 49 11.26 9.13 -21.53
C ALA C 49 12.17 10.05 -20.76
N CYS C 50 13.16 9.50 -20.04
CA CYS C 50 14.06 10.34 -19.26
C CYS C 50 14.96 11.17 -20.18
N ARG C 51 15.53 10.52 -21.18
CA ARG C 51 16.42 11.22 -22.12
C ARG C 51 15.66 12.22 -22.96
N LEU C 52 14.48 11.84 -23.46
CA LEU C 52 13.63 12.79 -24.17
C LEU C 52 13.34 14.01 -23.31
N ALA C 53 12.94 13.81 -22.06
CA ALA C 53 12.64 14.96 -21.21
C ALA C 53 13.88 15.80 -20.94
N ARG C 54 15.03 15.14 -20.77
CA ARG C 54 16.30 15.86 -20.64
C ARG C 54 16.54 16.75 -21.86
N ARG C 55 16.43 16.16 -23.05
CA ARG C 55 16.66 16.89 -24.29
C ARG C 55 15.71 18.08 -24.43
N LEU C 56 14.41 17.85 -24.23
CA LEU C 56 13.44 18.93 -24.35
C LEU C 56 13.72 20.04 -23.34
N SER C 57 14.06 19.67 -22.11
CA SER C 57 14.33 20.66 -21.08
C SER C 57 15.50 21.54 -21.47
N ASP C 58 16.52 20.96 -22.11
CA ASP C 58 17.73 21.70 -22.43
C ASP C 58 17.48 22.70 -23.56
N SER C 59 16.50 22.42 -24.42
CA SER C 59 16.05 23.38 -25.43
C SER C 59 14.94 24.30 -24.91
N GLY C 60 14.91 24.57 -23.61
CA GLY C 60 14.05 25.59 -23.05
C GLY C 60 12.59 25.23 -22.87
N ILE C 61 12.23 23.95 -22.95
CA ILE C 61 10.84 23.51 -22.80
C ILE C 61 10.65 22.92 -21.41
N ALA C 62 9.66 23.43 -20.68
CA ALA C 62 9.30 22.84 -19.40
C ALA C 62 8.61 21.49 -19.62
N VAL C 63 8.76 20.60 -18.65
CA VAL C 63 8.17 19.27 -18.73
C VAL C 63 7.22 19.10 -17.56
N ILE C 64 5.98 18.70 -17.87
CA ILE C 64 4.94 18.44 -16.88
C ILE C 64 4.62 16.95 -16.92
N SER C 65 4.60 16.32 -15.75
CA SER C 65 4.21 14.92 -15.64
C SER C 65 3.31 14.76 -14.42
N GLY C 66 2.77 13.56 -14.25
CA GLY C 66 1.93 13.31 -13.09
C GLY C 66 2.67 13.30 -11.76
N GLY C 67 3.99 13.45 -11.76
CA GLY C 67 4.78 13.64 -10.56
C GLY C 67 4.93 12.44 -9.64
N GLY C 68 4.54 11.25 -10.07
CA GLY C 68 4.62 10.07 -9.24
C GLY C 68 5.73 9.13 -9.68
N PRO C 69 5.53 7.82 -9.56
CA PRO C 69 6.54 6.84 -9.97
C PRO C 69 6.50 6.56 -11.48
N GLY C 70 7.39 5.66 -11.90
CA GLY C 70 7.32 5.13 -13.25
C GLY C 70 7.69 6.17 -14.29
N ILE C 71 6.88 6.24 -15.36
CA ILE C 71 7.18 7.20 -16.42
C ILE C 71 7.13 8.62 -15.87
N MET C 72 6.25 8.89 -14.91
CA MET C 72 6.20 10.23 -14.34
C MET C 72 7.54 10.60 -13.72
N GLU C 73 8.20 9.62 -13.10
CA GLU C 73 9.49 9.86 -12.49
C GLU C 73 10.59 9.98 -13.54
N ALA C 74 10.57 9.13 -14.57
CA ALA C 74 11.56 9.27 -15.63
C ALA C 74 11.52 10.65 -16.24
N ALA C 75 10.31 11.14 -16.53
CA ALA C 75 10.15 12.45 -17.15
C ALA C 75 10.63 13.56 -16.23
N ASN C 76 10.23 13.52 -14.96
CA ASN C 76 10.70 14.52 -14.01
C ASN C 76 12.21 14.43 -13.81
N LYS C 77 12.77 13.22 -13.82
CA LYS C 77 14.21 13.07 -13.59
C LYS C 77 15.01 13.76 -14.68
N GLY C 78 14.69 13.46 -15.96
CA GLY C 78 15.38 14.12 -17.05
C GLY C 78 15.23 15.63 -16.99
N ALA C 79 14.00 16.12 -16.84
CA ALA C 79 13.74 17.55 -16.84
C ALA C 79 14.34 18.23 -15.61
N PHE C 80 14.38 17.54 -14.48
CA PHE C 80 15.07 18.08 -13.31
C PHE C 80 16.56 18.31 -13.59
N ALA C 81 17.17 17.45 -14.41
CA ALA C 81 18.56 17.60 -14.82
C ALA C 81 18.73 18.54 -16.01
N GLY C 82 17.63 19.00 -16.62
CA GLY C 82 17.69 19.94 -17.72
C GLY C 82 17.55 21.38 -17.25
N LYS C 83 17.82 22.30 -18.20
CA LYS C 83 17.84 23.73 -17.89
C LYS C 83 16.48 24.25 -17.43
N SER C 84 15.39 23.67 -17.90
CA SER C 84 14.05 24.20 -17.67
C SER C 84 13.36 23.48 -16.52
N VAL C 85 12.22 24.05 -16.09
CA VAL C 85 11.57 23.55 -14.87
C VAL C 85 10.99 22.16 -15.11
N SER C 86 10.99 21.36 -14.04
CA SER C 86 10.33 20.07 -14.00
C SER C 86 9.09 20.21 -13.13
N VAL C 87 7.94 19.83 -13.67
CA VAL C 87 6.67 20.04 -12.98
C VAL C 87 6.02 18.69 -12.76
N GLY C 88 5.47 18.49 -11.56
CA GLY C 88 4.75 17.28 -11.22
C GLY C 88 3.35 17.55 -10.71
N LEU C 89 2.35 16.84 -11.23
CA LEU C 89 0.95 17.03 -10.85
C LEU C 89 0.50 15.78 -10.09
N ASN C 90 0.87 15.69 -8.81
CA ASN C 90 0.60 14.50 -8.00
C ASN C 90 -0.90 14.37 -7.75
N ILE C 91 -1.41 13.14 -7.88
CA ILE C 91 -2.81 12.82 -7.66
C ILE C 91 -2.90 12.00 -6.39
N VAL C 92 -3.82 12.39 -5.50
CA VAL C 92 -4.05 11.69 -4.24
C VAL C 92 -5.04 10.54 -4.48
N LEU C 93 -4.60 9.31 -4.27
CA LEU C 93 -5.38 8.12 -4.55
C LEU C 93 -5.24 7.11 -3.41
N PRO C 94 -6.27 6.28 -3.18
CA PRO C 94 -6.11 5.17 -2.21
C PRO C 94 -4.83 4.35 -2.43
N HIS C 95 -4.61 3.85 -3.65
CA HIS C 95 -3.33 3.24 -4.03
C HIS C 95 -2.35 4.38 -4.26
N GLU C 96 -1.54 4.65 -3.25
CA GLU C 96 -0.81 5.91 -3.19
C GLU C 96 0.22 6.04 -4.30
N GLN C 97 0.28 7.24 -4.91
CA GLN C 97 1.36 7.61 -5.81
C GLN C 97 2.28 8.55 -5.05
N LYS C 98 3.40 8.03 -4.54
CA LYS C 98 4.37 8.89 -3.85
C LYS C 98 4.99 9.88 -4.81
N PRO C 99 5.05 11.17 -4.46
CA PRO C 99 5.69 12.16 -5.34
C PRO C 99 7.17 11.85 -5.49
N ASN C 100 7.66 11.92 -6.72
CA ASN C 100 9.07 11.70 -6.96
C ASN C 100 9.87 12.94 -6.55
N PRO C 101 11.18 12.80 -6.32
CA PRO C 101 11.93 13.94 -5.78
C PRO C 101 12.59 14.79 -6.85
N TYR C 102 12.10 14.71 -8.08
CA TYR C 102 12.76 15.42 -9.18
C TYR C 102 11.88 16.53 -9.75
N GLN C 103 11.32 17.37 -8.89
CA GLN C 103 10.35 18.38 -9.31
C GLN C 103 10.76 19.76 -8.82
N ASP C 104 10.88 20.72 -9.74
CA ASP C 104 11.08 22.11 -9.33
C ASP C 104 9.77 22.72 -8.81
N ILE C 105 8.66 22.38 -9.44
CA ILE C 105 7.33 22.81 -9.03
C ILE C 105 6.53 21.55 -8.71
N ALA C 106 6.19 21.36 -7.44
CA ALA C 106 5.53 20.14 -6.95
C ALA C 106 4.11 20.49 -6.52
N LEU C 107 3.12 20.08 -7.33
CA LEU C 107 1.72 20.36 -7.06
C LEU C 107 0.98 19.07 -6.70
N ARG C 108 -0.17 19.23 -6.02
CA ARG C 108 -0.97 18.12 -5.52
C ARG C 108 -2.44 18.35 -5.85
N PHE C 109 -3.13 17.28 -6.25
CA PHE C 109 -4.55 17.37 -6.56
C PHE C 109 -5.32 16.23 -5.92
N SER C 110 -6.47 16.56 -5.32
CA SER C 110 -7.37 15.56 -4.75
C SER C 110 -8.23 14.90 -5.82
N ARG C 111 -8.36 15.50 -6.99
CA ARG C 111 -9.26 15.04 -8.05
C ARG C 111 -8.55 15.04 -9.39
N PHE C 112 -8.92 14.06 -10.23
CA PHE C 112 -8.39 14.02 -11.59
C PHE C 112 -8.77 15.26 -12.41
N ALA C 113 -9.96 15.84 -12.16
CA ALA C 113 -10.44 16.94 -13.01
C ALA C 113 -9.48 18.14 -12.98
N GLU C 114 -9.14 18.64 -11.79
CA GLU C 114 -8.25 19.79 -11.73
C GLU C 114 -6.86 19.44 -12.25
N ARG C 115 -6.41 18.21 -12.00
CA ARG C 115 -5.11 17.76 -12.49
C ARG C 115 -5.03 17.83 -14.02
N LYS C 116 -6.05 17.29 -14.70
CA LYS C 116 -6.00 17.29 -16.16
C LYS C 116 -6.18 18.70 -16.71
N ALA C 117 -6.99 19.53 -16.04
CA ALA C 117 -7.15 20.91 -16.49
C ALA C 117 -5.81 21.64 -16.50
N VAL C 118 -4.95 21.36 -15.51
CA VAL C 118 -3.62 21.97 -15.49
C VAL C 118 -2.76 21.44 -16.64
N PHE C 119 -2.73 20.11 -16.81
CA PHE C 119 -2.07 19.51 -17.96
C PHE C 119 -2.43 20.24 -19.25
N PHE C 120 -3.73 20.41 -19.49
CA PHE C 120 -4.21 20.84 -20.81
C PHE C 120 -4.21 22.36 -20.96
N ARG C 121 -4.24 23.10 -19.86
CA ARG C 121 -4.10 24.55 -19.93
C ARG C 121 -2.66 24.96 -20.21
N TYR C 122 -1.69 24.26 -19.63
CA TYR C 122 -0.32 24.75 -19.62
C TYR C 122 0.65 24.03 -20.55
N SER C 123 0.18 23.08 -21.35
CA SER C 123 1.02 22.35 -22.31
C SER C 123 0.68 22.77 -23.74
N GLN C 124 1.68 22.66 -24.62
CA GLN C 124 1.47 22.85 -26.06
C GLN C 124 1.85 21.61 -26.87
N ALA C 125 2.15 20.49 -26.22
CA ALA C 125 2.43 19.25 -26.91
C ALA C 125 2.32 18.11 -25.90
N TYR C 126 2.17 16.89 -26.42
CA TYR C 126 1.96 15.72 -25.57
C TYR C 126 2.75 14.53 -26.09
N VAL C 127 3.50 13.90 -25.19
CA VAL C 127 4.19 12.64 -25.46
C VAL C 127 3.58 11.58 -24.56
N VAL C 128 3.15 10.46 -25.15
CA VAL C 128 2.40 9.42 -24.45
C VAL C 128 3.21 8.13 -24.49
N MET C 129 3.95 7.86 -23.41
CA MET C 129 4.52 6.55 -23.18
C MET C 129 3.41 5.51 -22.95
N PRO C 130 3.70 4.22 -23.13
CA PRO C 130 2.69 3.19 -22.83
C PRO C 130 2.19 3.29 -21.39
N GLY C 131 0.90 3.07 -21.21
CA GLY C 131 0.26 3.21 -19.91
C GLY C 131 -1.04 2.44 -19.87
N GLY C 132 -1.70 2.51 -18.72
CA GLY C 132 -2.97 1.82 -18.48
C GLY C 132 -4.18 2.71 -18.72
N PHE C 133 -5.29 2.36 -18.07
CA PHE C 133 -6.55 3.05 -18.31
C PHE C 133 -6.43 4.56 -18.07
N GLY C 134 -5.66 4.96 -17.06
CA GLY C 134 -5.54 6.39 -16.77
C GLY C 134 -4.77 7.15 -17.84
N THR C 135 -3.80 6.50 -18.47
CA THR C 135 -3.10 7.10 -19.60
C THR C 135 -4.01 7.18 -20.82
N LEU C 136 -4.88 6.17 -21.00
CA LEU C 136 -5.83 6.22 -22.10
C LEU C 136 -6.91 7.26 -21.86
N ASP C 137 -7.31 7.44 -20.60
CA ASP C 137 -8.17 8.58 -20.24
C ASP C 137 -7.55 9.89 -20.70
N GLU C 138 -6.29 10.13 -20.32
CA GLU C 138 -5.60 11.34 -20.74
C GLU C 138 -5.54 11.45 -22.26
N LEU C 139 -5.25 10.33 -22.93
CA LEU C 139 -5.08 10.36 -24.38
C LEU C 139 -6.38 10.73 -25.09
N PHE C 140 -7.45 9.99 -24.82
CA PHE C 140 -8.70 10.27 -25.53
C PHE C 140 -9.35 11.57 -25.05
N GLU C 141 -9.02 12.05 -23.84
CA GLU C 141 -9.51 13.36 -23.44
C GLU C 141 -8.85 14.47 -24.25
N ILE C 142 -7.53 14.42 -24.45
CA ILE C 142 -6.91 15.52 -25.19
C ILE C 142 -7.27 15.43 -26.67
N LEU C 143 -7.38 14.22 -27.22
CA LEU C 143 -7.91 14.06 -28.58
C LEU C 143 -9.29 14.69 -28.70
N THR C 144 -10.15 14.48 -27.69
CA THR C 144 -11.50 15.03 -27.72
C THR C 144 -11.48 16.55 -27.64
N LEU C 145 -10.68 17.09 -26.71
CA LEU C 145 -10.61 18.54 -26.53
C LEU C 145 -10.05 19.23 -27.78
N VAL C 146 -9.10 18.58 -28.46
CA VAL C 146 -8.54 19.16 -29.68
C VAL C 146 -9.54 19.05 -30.82
N GLN C 147 -10.11 17.86 -31.00
CA GLN C 147 -11.04 17.64 -32.10
C GLN C 147 -12.25 18.56 -31.99
N THR C 148 -12.71 18.83 -30.76
CA THR C 148 -13.86 19.69 -30.55
C THR C 148 -13.50 21.17 -30.50
N GLY C 149 -12.22 21.52 -30.56
CA GLY C 149 -11.83 22.91 -30.50
C GLY C 149 -11.92 23.54 -29.14
N LYS C 150 -11.97 22.74 -28.07
CA LYS C 150 -11.95 23.26 -26.72
C LYS C 150 -10.55 23.63 -26.25
N VAL C 151 -9.51 23.02 -26.81
CA VAL C 151 -8.14 23.49 -26.64
C VAL C 151 -7.51 23.59 -28.03
N PRO C 152 -6.46 24.42 -28.16
CA PRO C 152 -5.85 24.65 -29.48
C PRO C 152 -5.21 23.39 -30.02
N PRO C 153 -5.05 23.28 -31.34
CA PRO C 153 -4.29 22.17 -31.91
C PRO C 153 -2.90 22.09 -31.32
N CYS C 154 -2.37 20.87 -31.25
CA CYS C 154 -1.06 20.64 -30.67
C CYS C 154 -0.63 19.23 -31.04
N PRO C 155 0.66 18.97 -31.17
CA PRO C 155 1.10 17.62 -31.51
C PRO C 155 0.89 16.64 -30.36
N ILE C 156 0.48 15.43 -30.72
CA ILE C 156 0.27 14.35 -29.77
C ILE C 156 1.03 13.15 -30.33
N VAL C 157 2.07 12.72 -29.61
CA VAL C 157 2.95 11.65 -30.07
C VAL C 157 2.82 10.46 -29.11
N LEU C 158 2.36 9.33 -29.65
CA LEU C 158 2.40 8.07 -28.94
C LEU C 158 3.78 7.44 -29.16
N VAL C 159 4.44 7.02 -28.09
CA VAL C 159 5.77 6.42 -28.18
C VAL C 159 5.64 4.92 -27.96
N GLY C 160 6.13 4.15 -28.92
CA GLY C 160 6.07 2.71 -28.83
C GLY C 160 5.20 2.06 -29.89
N LYS C 161 5.78 1.81 -31.06
CA LYS C 161 5.00 1.33 -32.21
C LYS C 161 4.40 -0.05 -31.93
N ALA C 162 5.19 -0.97 -31.37
CA ALA C 162 4.66 -2.28 -31.04
C ALA C 162 3.48 -2.18 -30.08
N PHE C 163 3.57 -1.26 -29.11
CA PHE C 163 2.52 -1.11 -28.12
C PHE C 163 1.28 -0.44 -28.71
N TRP C 164 1.48 0.64 -29.46
CA TRP C 164 0.38 1.51 -29.87
C TRP C 164 -0.26 1.12 -31.20
N SER C 165 0.47 0.44 -32.07
CA SER C 165 -0.02 0.23 -33.44
C SER C 165 -1.38 -0.46 -33.44
N GLY C 166 -1.57 -1.48 -32.60
CA GLY C 166 -2.84 -2.18 -32.55
C GLY C 166 -4.03 -1.30 -32.18
N LEU C 167 -3.79 -0.23 -31.42
CA LEU C 167 -4.87 0.72 -31.14
C LEU C 167 -5.20 1.56 -32.37
N ALA C 168 -4.16 2.05 -33.05
CA ALA C 168 -4.36 2.84 -34.25
C ALA C 168 -5.06 2.03 -35.34
N GLU C 169 -4.66 0.77 -35.50
CA GLU C 169 -5.32 -0.10 -36.47
C GLU C 169 -6.79 -0.30 -36.11
N TRP C 170 -7.10 -0.45 -34.82
CA TRP C 170 -8.50 -0.57 -34.40
C TRP C 170 -9.26 0.72 -34.66
N ILE C 171 -8.62 1.87 -34.44
CA ILE C 171 -9.28 3.14 -34.70
C ILE C 171 -9.62 3.27 -36.18
N ASN C 172 -8.70 2.86 -37.06
CA ASN C 172 -8.97 2.93 -38.51
C ASN C 172 -10.02 1.92 -38.92
N ALA C 173 -9.87 0.68 -38.45
CA ALA C 173 -10.77 -0.39 -38.88
C ALA C 173 -12.18 -0.19 -38.37
N GLN C 174 -12.35 0.49 -37.23
CA GLN C 174 -13.65 0.54 -36.58
C GLN C 174 -14.22 1.94 -36.49
N LEU C 175 -13.45 2.92 -35.99
CA LEU C 175 -14.02 4.26 -35.80
C LEU C 175 -14.07 5.02 -37.12
N LEU C 176 -12.96 5.04 -37.86
CA LEU C 176 -12.93 5.72 -39.15
C LEU C 176 -13.82 5.00 -40.16
N ALA C 177 -13.70 3.67 -40.25
CA ALA C 177 -14.42 2.92 -41.27
C ALA C 177 -15.93 3.11 -41.16
N ARG C 178 -16.45 3.28 -39.94
CA ARG C 178 -17.89 3.44 -39.73
C ARG C 178 -18.33 4.91 -39.74
N GLY C 179 -17.42 5.85 -40.00
CA GLY C 179 -17.78 7.25 -40.04
C GLY C 179 -18.02 7.89 -38.68
N LEU C 180 -17.62 7.22 -37.60
CA LEU C 180 -17.77 7.81 -36.26
C LEU C 180 -16.79 8.94 -36.04
N ILE C 181 -15.67 8.93 -36.76
CA ILE C 181 -14.71 10.02 -36.75
C ILE C 181 -14.28 10.29 -38.19
N SER C 182 -13.80 11.50 -38.43
CA SER C 182 -13.38 11.88 -39.77
C SER C 182 -11.91 11.52 -40.00
N GLU C 183 -11.49 11.64 -41.26
CA GLU C 183 -10.10 11.34 -41.61
C GLU C 183 -9.15 12.27 -40.89
N GLY C 184 -9.54 13.54 -40.71
CA GLY C 184 -8.70 14.48 -40.00
C GLY C 184 -8.57 14.16 -38.54
N ALA C 185 -9.56 13.46 -37.97
CA ALA C 185 -9.48 13.06 -36.57
C ALA C 185 -8.33 12.10 -36.35
N VAL C 186 -8.15 11.14 -37.27
CA VAL C 186 -7.07 10.16 -37.14
C VAL C 186 -5.71 10.83 -37.24
N SER C 187 -5.63 11.96 -37.95
CA SER C 187 -4.37 12.68 -38.12
C SER C 187 -4.00 13.52 -36.90
N LEU C 188 -4.82 13.53 -35.84
CA LEU C 188 -4.47 14.34 -34.67
C LEU C 188 -3.32 13.75 -33.87
N PHE C 189 -2.92 12.51 -34.14
CA PHE C 189 -1.80 11.89 -33.41
C PHE C 189 -0.90 11.14 -34.36
N ALA C 190 0.34 10.95 -33.93
CA ALA C 190 1.34 10.17 -34.64
C ALA C 190 2.01 9.20 -33.67
N ILE C 191 2.65 8.16 -34.22
CA ILE C 191 3.35 7.13 -33.46
C ILE C 191 4.81 7.11 -33.89
N SER C 192 5.71 6.92 -32.92
CA SER C 192 7.14 6.97 -33.21
C SER C 192 7.90 6.16 -32.16
N ASP C 193 9.07 5.66 -32.55
CA ASP C 193 10.01 5.01 -31.63
C ASP C 193 11.35 5.73 -31.55
N ASP C 194 11.46 6.92 -32.14
CA ASP C 194 12.75 7.54 -32.42
C ASP C 194 12.80 8.92 -31.80
N GLU C 195 13.82 9.16 -30.97
CA GLU C 195 13.91 10.44 -30.28
C GLU C 195 14.03 11.61 -31.26
N ASP C 196 14.83 11.45 -32.31
CA ASP C 196 15.00 12.52 -33.29
C ASP C 196 13.70 12.79 -34.04
N GLU C 197 13.07 11.73 -34.55
CA GLU C 197 11.77 11.85 -35.17
C GLU C 197 10.77 12.57 -34.27
N ILE C 198 10.82 12.27 -32.96
CA ILE C 198 9.84 12.83 -32.04
C ILE C 198 10.06 14.32 -31.85
N VAL C 199 11.29 14.74 -31.56
CA VAL C 199 11.52 16.16 -31.26
C VAL C 199 11.30 16.99 -32.52
N ALA C 200 11.63 16.44 -33.69
CA ALA C 200 11.34 17.13 -34.94
C ALA C 200 9.85 17.34 -35.11
N TYR C 201 9.09 16.24 -35.03
CA TYR C 201 7.63 16.30 -35.16
C TYR C 201 7.00 17.29 -34.19
N LEU C 202 7.55 17.41 -32.99
CA LEU C 202 6.97 18.32 -31.99
C LEU C 202 7.17 19.77 -32.41
N SER C 203 8.37 20.13 -32.85
CA SER C 203 8.62 21.51 -33.29
C SER C 203 7.98 21.79 -34.64
N GLU C 204 7.92 20.77 -35.50
CA GLU C 204 7.23 20.89 -36.78
C GLU C 204 5.79 21.31 -36.62
N HIS C 205 5.16 20.98 -35.48
CA HIS C 205 3.74 21.26 -35.26
C HIS C 205 3.51 22.26 -34.12
N GLY C 206 4.47 23.16 -33.88
CA GLY C 206 4.22 24.33 -33.06
C GLY C 206 4.94 24.38 -31.73
N LEU C 207 5.64 23.33 -31.30
CA LEU C 207 6.35 23.38 -30.03
C LEU C 207 7.61 24.22 -30.18
N GLN C 208 7.83 25.15 -29.24
CA GLN C 208 8.77 26.26 -29.41
C GLN C 208 10.05 26.03 -28.61
N THR C 209 10.93 25.20 -29.16
CA THR C 209 12.24 24.94 -28.52
C THR C 209 12.96 26.22 -28.11
C1 CIT D . 7.60 -0.94 5.42
O1 CIT D . 8.69 -0.35 5.22
O2 CIT D . 7.47 -2.16 5.13
C2 CIT D . 6.41 -0.18 6.00
C3 CIT D . 6.37 1.30 5.64
O7 CIT D . 7.47 1.99 6.16
C4 CIT D . 6.34 1.51 4.12
C5 CIT D . 6.15 2.97 3.70
O3 CIT D . 6.19 3.91 4.54
O4 CIT D . 5.97 3.25 2.48
C6 CIT D . 5.12 1.82 6.34
O5 CIT D . 5.22 2.10 7.57
O6 CIT D . 4.03 1.96 5.69
#